data_5XLN
#
_entry.id   5XLN
#
_cell.length_a   49.369
_cell.length_b   60.569
_cell.length_c   85.237
_cell.angle_alpha   90.00
_cell.angle_beta   90.00
_cell.angle_gamma   90.00
#
_symmetry.space_group_name_H-M   'P 21 21 21'
#
loop_
_entity.id
_entity.type
_entity.pdbx_description
1 polymer 'Eukaryotic translation initiation factor 4E type 2'
2 polymer 'Threonine--tRNA ligase, cytoplasmic'
3 water water
#
loop_
_entity_poly.entity_id
_entity_poly.type
_entity_poly.pdbx_seq_one_letter_code
_entity_poly.pdbx_strand_id
1 'polypeptide(L)'
;KAVVPGPAEHPLQYNYTFWYSRRTPGRPTSSQSYEQNIKQIGTFASVEQFWRFYSHMVRPGDLTGHSDFHLFKEGIKPMW
EDDANKNGGKWIIRLRKGLASRCWENLILAMLGEQFMVGEEICGAVVSVRFQEDIISIWNKTASDQATTARIRDTLRRVL
NLPPNTIMEYKTHTDSIKMPGRLGPQRLLF
;
A
2 'polypeptide(L)' GGKKKNKEGSGDGGRAELNPWPEYIYTRLEMYNILKAEHDSILAE B
#
# COMPACT_ATOMS: atom_id res chain seq x y z
N LYS A 1 -23.90 -4.19 -4.83
CA LYS A 1 -22.79 -4.86 -4.16
C LYS A 1 -21.48 -4.06 -4.28
N ALA A 2 -21.50 -2.99 -5.06
CA ALA A 2 -20.32 -2.15 -5.22
C ALA A 2 -19.90 -1.52 -3.88
N VAL A 3 -18.60 -1.53 -3.59
CA VAL A 3 -18.11 -0.90 -2.37
C VAL A 3 -17.98 0.61 -2.60
N VAL A 4 -18.64 1.40 -1.75
CA VAL A 4 -18.65 2.85 -1.91
C VAL A 4 -18.46 3.57 -0.57
N PRO A 5 -17.98 4.83 -0.60
CA PRO A 5 -17.82 5.55 0.68
C PRO A 5 -19.16 5.70 1.40
N GLY A 6 -19.15 5.54 2.71
CA GLY A 6 -20.35 5.77 3.51
C GLY A 6 -20.63 7.26 3.63
N PRO A 7 -21.83 7.60 4.13
CA PRO A 7 -22.16 9.02 4.31
C PRO A 7 -21.18 9.69 5.27
N ALA A 8 -20.79 10.92 4.93
CA ALA A 8 -19.85 11.74 5.69
C ALA A 8 -18.45 11.13 5.80
N GLU A 9 -18.15 10.12 4.99
CA GLU A 9 -16.79 9.57 4.99
C GLU A 9 -15.91 10.27 3.95
N HIS A 10 -14.60 10.15 4.10
CA HIS A 10 -13.63 10.77 3.21
C HIS A 10 -13.28 9.79 2.09
N PRO A 11 -13.82 10.03 0.88
CA PRO A 11 -13.63 9.06 -0.21
C PRO A 11 -12.17 8.91 -0.64
N LEU A 12 -11.84 7.74 -1.16
CA LEU A 12 -10.54 7.50 -1.77
C LEU A 12 -10.68 7.67 -3.28
N GLN A 13 -9.54 7.89 -3.95
CA GLN A 13 -9.51 8.05 -5.39
C GLN A 13 -9.77 6.72 -6.11
N TYR A 14 -9.45 5.61 -5.44
CA TYR A 14 -9.73 4.27 -5.94
C TYR A 14 -10.23 3.39 -4.80
N ASN A 15 -10.98 2.34 -5.13
CA ASN A 15 -11.20 1.27 -4.17
C ASN A 15 -9.91 0.49 -4.06
N TYR A 16 -9.58 0.01 -2.85
CA TYR A 16 -8.43 -0.86 -2.64
C TYR A 16 -8.86 -2.15 -1.96
N THR A 17 -8.06 -3.19 -2.14
CA THR A 17 -8.34 -4.52 -1.60
C THR A 17 -7.10 -5.01 -0.85
N PHE A 18 -7.29 -5.40 0.41
CA PHE A 18 -6.26 -6.09 1.20
C PHE A 18 -6.25 -7.57 0.88
N TRP A 19 -5.05 -8.12 0.68
CA TRP A 19 -4.83 -9.55 0.52
C TRP A 19 -3.79 -10.03 1.51
N TYR A 20 -3.71 -11.34 1.72
CA TYR A 20 -2.58 -11.87 2.46
C TYR A 20 -2.15 -13.20 1.89
N SER A 21 -0.94 -13.60 2.20
CA SER A 21 -0.56 -14.98 1.97
C SER A 21 0.38 -15.43 3.09
N ARG A 22 0.38 -16.73 3.30
CA ARG A 22 1.20 -17.36 4.33
C ARG A 22 1.72 -18.66 3.73
N ARG A 23 3.03 -18.87 3.82
CA ARG A 23 3.62 -20.07 3.25
C ARG A 23 3.35 -21.25 4.18
N THR A 24 2.57 -22.22 3.72
CA THR A 24 2.20 -23.35 4.57
C THR A 24 2.32 -24.68 3.84
N GLU A 35 -2.80 -19.97 -7.82
CA GLU A 35 -2.99 -18.57 -7.43
C GLU A 35 -3.47 -18.47 -5.99
N GLN A 36 -4.43 -19.32 -5.62
CA GLN A 36 -5.15 -19.17 -4.35
C GLN A 36 -4.27 -19.27 -3.10
N ASN A 37 -2.97 -19.14 -3.31
CA ASN A 37 -2.03 -18.84 -2.24
C ASN A 37 -2.34 -17.45 -1.65
N ILE A 38 -2.79 -16.54 -2.53
CA ILE A 38 -3.06 -15.17 -2.12
C ILE A 38 -4.57 -14.94 -1.97
N LYS A 39 -5.01 -14.65 -0.74
CA LYS A 39 -6.43 -14.57 -0.42
C LYS A 39 -6.90 -13.16 -0.07
N GLN A 40 -8.11 -12.80 -0.53
CA GLN A 40 -8.66 -11.48 -0.24
C GLN A 40 -9.14 -11.38 1.19
N ILE A 41 -8.92 -10.22 1.78
CA ILE A 41 -9.43 -9.91 3.12
C ILE A 41 -10.67 -9.02 2.99
N GLY A 42 -10.57 -7.99 2.15
CA GLY A 42 -11.70 -7.10 1.98
C GLY A 42 -11.36 -5.86 1.17
N THR A 43 -12.40 -5.13 0.76
CA THR A 43 -12.26 -3.98 -0.14
C THR A 43 -12.84 -2.74 0.54
N PHE A 44 -12.19 -1.58 0.39
CA PHE A 44 -12.69 -0.37 1.05
C PHE A 44 -12.59 0.84 0.12
N ALA A 45 -13.38 1.88 0.41
CA ALA A 45 -13.61 2.99 -0.50
C ALA A 45 -13.34 4.35 0.12
N SER A 46 -13.01 4.36 1.42
CA SER A 46 -12.83 5.62 2.12
C SER A 46 -11.72 5.49 3.16
N VAL A 47 -11.24 6.63 3.62
CA VAL A 47 -10.21 6.62 4.67
C VAL A 47 -10.74 5.93 5.94
N GLU A 48 -11.99 6.18 6.29
CA GLU A 48 -12.57 5.59 7.50
C GLU A 48 -12.66 4.07 7.36
N GLN A 49 -13.12 3.59 6.22
CA GLN A 49 -13.20 2.14 5.99
C GLN A 49 -11.81 1.51 6.03
N PHE A 50 -10.82 2.23 5.51
CA PHE A 50 -9.44 1.74 5.56
C PHE A 50 -9.00 1.50 7.00
N TRP A 51 -9.16 2.51 7.84
CA TRP A 51 -8.72 2.40 9.23
C TRP A 51 -9.49 1.27 9.95
N ARG A 52 -10.76 1.11 9.62
CA ARG A 52 -11.55 0.04 10.21
C ARG A 52 -10.97 -1.32 9.83
N PHE A 53 -10.64 -1.53 8.55
CA PHE A 53 -10.02 -2.78 8.13
C PHE A 53 -8.67 -2.97 8.82
N TYR A 54 -7.87 -1.93 8.78
CA TYR A 54 -6.52 -1.95 9.30
C TYR A 54 -6.49 -2.32 10.78
N SER A 55 -7.51 -1.87 11.51
CA SER A 55 -7.58 -2.11 12.94
C SER A 55 -7.72 -3.59 13.30
N HIS A 56 -8.14 -4.40 12.32
CA HIS A 56 -8.29 -5.83 12.55
C HIS A 56 -7.06 -6.64 12.17
N MET A 57 -6.09 -6.01 11.51
CA MET A 57 -4.96 -6.79 10.99
C MET A 57 -3.75 -6.72 11.92
N VAL A 58 -3.09 -7.86 12.11
CA VAL A 58 -1.81 -7.86 12.84
C VAL A 58 -0.79 -7.02 12.05
N ARG A 59 0.04 -6.27 12.76
CA ARG A 59 1.11 -5.51 12.09
C ARG A 59 2.16 -6.48 11.55
N PRO A 60 2.72 -6.18 10.37
CA PRO A 60 3.63 -7.17 9.77
C PRO A 60 4.83 -7.47 10.67
N GLY A 61 5.25 -6.52 11.48
CA GLY A 61 6.36 -6.73 12.41
C GLY A 61 6.02 -7.66 13.56
N ASP A 62 4.74 -7.96 13.74
CA ASP A 62 4.33 -8.86 14.82
C ASP A 62 4.22 -10.31 14.33
N LEU A 63 4.46 -10.51 13.03
CA LEU A 63 4.56 -11.85 12.47
C LEU A 63 6.02 -12.26 12.30
N THR A 64 6.35 -13.54 12.52
CA THR A 64 7.72 -14.00 12.27
C THR A 64 7.76 -15.13 11.23
N GLY A 65 6.62 -15.79 11.00
CA GLY A 65 6.52 -16.80 9.96
C GLY A 65 6.48 -16.17 8.57
N HIS A 66 6.81 -16.96 7.55
CA HIS A 66 6.82 -16.51 6.15
C HIS A 66 5.42 -16.00 5.75
N SER A 67 5.30 -14.70 5.52
CA SER A 67 4.01 -14.07 5.30
C SER A 67 4.11 -12.88 4.35
N ASP A 68 2.98 -12.51 3.76
CA ASP A 68 2.90 -11.29 2.95
C ASP A 68 1.55 -10.62 3.16
N PHE A 69 1.55 -9.29 3.21
CA PHE A 69 0.30 -8.52 3.03
C PHE A 69 0.39 -7.82 1.68
N HIS A 70 -0.73 -7.68 1.01
CA HIS A 70 -0.77 -7.00 -0.28
C HIS A 70 -1.91 -5.99 -0.23
N LEU A 71 -1.69 -4.79 -0.75
CA LEU A 71 -2.74 -3.80 -0.82
C LEU A 71 -2.76 -3.26 -2.23
N PHE A 72 -3.77 -3.65 -3.00
CA PHE A 72 -3.83 -3.33 -4.43
C PHE A 72 -5.14 -2.65 -4.79
N LYS A 73 -5.10 -1.83 -5.84
CA LYS A 73 -6.34 -1.28 -6.38
C LYS A 73 -7.33 -2.40 -6.67
N GLU A 74 -8.60 -2.17 -6.38
CA GLU A 74 -9.63 -3.16 -6.66
C GLU A 74 -9.57 -3.57 -8.12
N GLY A 75 -9.61 -4.87 -8.38
CA GLY A 75 -9.58 -5.35 -9.75
C GLY A 75 -8.19 -5.73 -10.23
N ILE A 76 -7.18 -5.43 -9.41
CA ILE A 76 -5.82 -5.86 -9.71
C ILE A 76 -5.37 -6.95 -8.75
N LYS A 77 -5.11 -8.13 -9.29
CA LYS A 77 -4.60 -9.23 -8.48
C LYS A 77 -3.13 -9.01 -8.19
N PRO A 78 -2.69 -9.33 -6.96
CA PRO A 78 -1.30 -9.06 -6.56
C PRO A 78 -0.31 -10.02 -7.17
N MET A 79 -0.36 -10.17 -8.49
CA MET A 79 0.59 -11.05 -9.16
C MET A 79 0.97 -10.44 -10.49
N TRP A 80 2.20 -10.68 -10.90
CA TRP A 80 2.74 -9.96 -12.04
C TRP A 80 2.05 -10.36 -13.34
N GLU A 81 1.44 -11.55 -13.36
CA GLU A 81 0.73 -12.01 -14.56
C GLU A 81 -0.60 -11.26 -14.79
N ASP A 82 -1.08 -10.54 -13.79
CA ASP A 82 -2.29 -9.72 -13.95
C ASP A 82 -2.04 -8.71 -15.07
N ASP A 83 -3.06 -8.46 -15.89
CA ASP A 83 -2.91 -7.56 -17.04
C ASP A 83 -2.40 -6.17 -16.64
N ALA A 84 -2.76 -5.72 -15.44
CA ALA A 84 -2.28 -4.42 -14.96
C ALA A 84 -0.81 -4.45 -14.54
N ASN A 85 -0.27 -5.64 -14.25
CA ASN A 85 1.11 -5.75 -13.79
C ASN A 85 2.10 -6.28 -14.84
N LYS A 86 1.57 -6.87 -15.91
CA LYS A 86 2.38 -7.63 -16.86
C LYS A 86 3.56 -6.83 -17.42
N ASN A 87 3.34 -5.55 -17.70
CA ASN A 87 4.40 -4.72 -18.27
C ASN A 87 5.05 -3.80 -17.24
N GLY A 88 4.80 -4.10 -15.97
CA GLY A 88 5.21 -3.22 -14.89
C GLY A 88 6.41 -3.71 -14.13
N GLY A 89 6.62 -3.14 -12.96
CA GLY A 89 7.78 -3.46 -12.16
C GLY A 89 7.55 -2.91 -10.76
N LYS A 90 8.59 -2.94 -9.94
CA LYS A 90 8.40 -2.51 -8.56
C LYS A 90 9.70 -2.00 -7.95
N TRP A 91 9.58 -1.02 -7.06
CA TRP A 91 10.69 -0.58 -6.23
C TRP A 91 10.70 -1.49 -5.01
N ILE A 92 11.87 -1.99 -4.63
CA ILE A 92 12.01 -2.92 -3.51
C ILE A 92 12.95 -2.34 -2.47
N ILE A 93 12.57 -2.44 -1.20
CA ILE A 93 13.48 -2.03 -0.13
C ILE A 93 13.58 -3.16 0.89
N ARG A 94 14.80 -3.65 1.11
CA ARG A 94 15.03 -4.68 2.13
C ARG A 94 15.27 -4.04 3.49
N LEU A 95 14.62 -4.57 4.51
CA LEU A 95 14.62 -3.97 5.84
C LEU A 95 15.12 -4.94 6.90
N ARG A 96 16.00 -4.47 7.78
CA ARG A 96 16.32 -5.27 8.96
C ARG A 96 15.06 -5.38 9.82
N LYS A 97 15.00 -6.41 10.64
CA LYS A 97 13.84 -6.63 11.48
C LYS A 97 13.58 -5.44 12.40
N GLY A 98 12.31 -5.10 12.60
CA GLY A 98 11.92 -4.02 13.47
C GLY A 98 11.43 -2.77 12.76
N LEU A 99 11.58 -2.73 11.43
CA LEU A 99 11.23 -1.55 10.63
C LEU A 99 9.94 -1.70 9.82
N ALA A 100 9.55 -2.95 9.56
CA ALA A 100 8.47 -3.21 8.60
C ALA A 100 7.12 -2.61 8.99
N SER A 101 6.76 -2.67 10.28
CA SER A 101 5.46 -2.18 10.69
C SER A 101 5.29 -0.70 10.39
N ARG A 102 6.30 0.08 10.77
CA ARG A 102 6.22 1.53 10.56
C ARG A 102 6.34 1.87 9.07
N CYS A 103 7.22 1.17 8.37
CA CYS A 103 7.40 1.46 6.95
C CYS A 103 6.18 1.09 6.13
N TRP A 104 5.55 -0.04 6.45
CA TRP A 104 4.33 -0.46 5.78
C TRP A 104 3.23 0.59 5.95
N GLU A 105 3.04 1.02 7.19
CA GLU A 105 2.02 2.03 7.46
C GLU A 105 2.32 3.31 6.69
N ASN A 106 3.57 3.78 6.72
CA ASN A 106 3.91 5.00 5.97
C ASN A 106 3.66 4.82 4.47
N LEU A 107 4.02 3.67 3.94
CA LEU A 107 3.85 3.43 2.50
C LEU A 107 2.38 3.42 2.10
N ILE A 108 1.54 2.69 2.82
CA ILE A 108 0.17 2.56 2.34
C ILE A 108 -0.60 3.86 2.56
N LEU A 109 -0.25 4.63 3.60
CA LEU A 109 -0.91 5.93 3.78
C LEU A 109 -0.58 6.84 2.58
N ALA A 110 0.67 6.84 2.15
CA ALA A 110 1.08 7.62 0.99
C ALA A 110 0.36 7.16 -0.30
N MET A 111 0.25 5.85 -0.47
CA MET A 111 -0.41 5.31 -1.66
C MET A 111 -1.89 5.68 -1.66
N LEU A 112 -2.56 5.41 -0.54
CA LEU A 112 -3.99 5.71 -0.44
C LEU A 112 -4.27 7.19 -0.61
N GLY A 113 -3.37 8.03 -0.09
CA GLY A 113 -3.57 9.47 -0.13
C GLY A 113 -3.11 10.13 -1.42
N GLU A 114 -2.76 9.30 -2.41
CA GLU A 114 -2.38 9.79 -3.75
C GLU A 114 -1.12 10.65 -3.74
N GLN A 115 -0.19 10.32 -2.85
CA GLN A 115 1.01 11.12 -2.70
C GLN A 115 2.05 10.89 -3.81
N PHE A 116 1.92 9.81 -4.59
CA PHE A 116 2.94 9.56 -5.61
C PHE A 116 2.81 10.42 -6.86
N MET A 117 1.62 10.94 -7.12
CA MET A 117 1.41 11.88 -8.22
C MET A 117 1.90 11.36 -9.56
N VAL A 118 1.55 10.13 -9.88
CA VAL A 118 1.95 9.52 -11.15
C VAL A 118 0.73 9.02 -11.91
N GLY A 119 -0.39 9.72 -11.71
CA GLY A 119 -1.61 9.40 -12.42
C GLY A 119 -2.11 8.04 -12.04
N GLU A 120 -2.39 7.19 -13.05
CA GLU A 120 -2.95 5.87 -12.82
C GLU A 120 -1.90 4.80 -12.58
N GLU A 121 -0.64 5.19 -12.51
CA GLU A 121 0.45 4.21 -12.58
C GLU A 121 0.58 3.26 -11.40
N ILE A 122 0.11 3.62 -10.22
CA ILE A 122 0.32 2.75 -9.07
C ILE A 122 -0.62 1.54 -9.13
N CYS A 123 -0.09 0.34 -8.89
CA CYS A 123 -0.91 -0.87 -8.83
C CYS A 123 -1.19 -1.29 -7.40
N GLY A 124 -0.15 -1.30 -6.57
CA GLY A 124 -0.34 -1.70 -5.19
C GLY A 124 0.98 -1.79 -4.46
N ALA A 125 0.92 -2.28 -3.22
CA ALA A 125 2.07 -2.33 -2.33
C ALA A 125 2.10 -3.69 -1.64
N VAL A 126 3.30 -4.17 -1.29
CA VAL A 126 3.44 -5.47 -0.64
C VAL A 126 4.44 -5.33 0.50
N VAL A 127 4.15 -6.00 1.63
CA VAL A 127 5.15 -6.17 2.67
C VAL A 127 5.34 -7.66 2.85
N SER A 128 6.60 -8.10 2.80
CA SER A 128 6.95 -9.50 2.90
C SER A 128 7.80 -9.75 4.12
N VAL A 129 7.37 -10.72 4.93
CA VAL A 129 8.08 -11.07 6.15
C VAL A 129 8.93 -12.28 5.84
N ARG A 130 10.24 -12.15 5.97
CA ARG A 130 11.11 -13.26 5.65
C ARG A 130 11.97 -13.59 6.88
N PHE A 131 12.95 -14.46 6.69
CA PHE A 131 13.64 -15.08 7.83
C PHE A 131 14.41 -14.09 8.69
N GLN A 132 15.27 -13.29 8.06
CA GLN A 132 16.09 -12.34 8.81
C GLN A 132 15.97 -10.92 8.27
N GLU A 133 15.02 -10.73 7.36
CA GLU A 133 14.71 -9.40 6.88
C GLU A 133 13.27 -9.34 6.48
N ASP A 134 12.78 -8.12 6.24
CA ASP A 134 11.50 -7.94 5.61
C ASP A 134 11.69 -7.15 4.36
N ILE A 135 10.71 -7.21 3.47
CA ILE A 135 10.83 -6.52 2.20
C ILE A 135 9.56 -5.73 1.94
N ILE A 136 9.72 -4.48 1.57
CA ILE A 136 8.58 -3.69 1.21
C ILE A 136 8.71 -3.24 -0.25
N SER A 137 7.60 -3.21 -0.97
CA SER A 137 7.65 -2.82 -2.35
C SER A 137 6.40 -2.10 -2.80
N ILE A 138 6.56 -1.30 -3.84
CA ILE A 138 5.41 -0.64 -4.46
C ILE A 138 5.49 -0.91 -5.97
N TRP A 139 4.37 -1.38 -6.51
CA TRP A 139 4.26 -1.82 -7.90
C TRP A 139 3.63 -0.76 -8.79
N ASN A 140 4.16 -0.57 -10.00
CA ASN A 140 3.53 0.34 -10.95
C ASN A 140 3.33 -0.31 -12.32
N LYS A 141 2.53 0.32 -13.18
CA LYS A 141 2.05 -0.33 -14.40
C LYS A 141 3.08 -0.42 -15.53
N THR A 142 3.94 0.59 -15.64
CA THR A 142 4.81 0.69 -16.81
C THR A 142 6.27 0.77 -16.39
N ALA A 143 6.99 -0.34 -16.52
CA ALA A 143 8.37 -0.38 -16.02
C ALA A 143 9.29 0.52 -16.86
N SER A 144 8.94 0.75 -18.12
CA SER A 144 9.82 1.52 -19.00
C SER A 144 9.57 3.03 -18.91
N ASP A 145 8.60 3.43 -18.11
CA ASP A 145 8.30 4.86 -17.93
C ASP A 145 9.22 5.45 -16.86
N GLN A 146 10.38 5.95 -17.30
CA GLN A 146 11.41 6.41 -16.37
C GLN A 146 11.00 7.64 -15.56
N ALA A 147 10.20 8.52 -16.14
CA ALA A 147 9.71 9.68 -15.40
C ALA A 147 8.86 9.21 -14.22
N THR A 148 8.04 8.19 -14.45
CA THR A 148 7.18 7.67 -13.42
C THR A 148 8.00 6.94 -12.35
N THR A 149 8.90 6.05 -12.76
CA THR A 149 9.61 5.26 -11.76
C THR A 149 10.54 6.16 -10.92
N ALA A 150 11.09 7.20 -11.55
CA ALA A 150 11.93 8.13 -10.82
C ALA A 150 11.12 8.93 -9.80
N ARG A 151 9.90 9.32 -10.17
CA ARG A 151 9.06 10.07 -9.26
C ARG A 151 8.61 9.20 -8.08
N ILE A 152 8.35 7.93 -8.37
CA ILE A 152 7.98 6.99 -7.30
C ILE A 152 9.13 6.85 -6.33
N ARG A 153 10.34 6.68 -6.86
CA ARG A 153 11.54 6.62 -6.03
C ARG A 153 11.68 7.84 -5.12
N ASP A 154 11.50 9.03 -5.70
CA ASP A 154 11.63 10.27 -4.94
C ASP A 154 10.61 10.33 -3.81
N THR A 155 9.39 9.92 -4.10
CA THR A 155 8.33 9.90 -3.10
C THR A 155 8.62 8.90 -1.97
N LEU A 156 9.12 7.72 -2.33
CA LEU A 156 9.51 6.71 -1.35
C LEU A 156 10.53 7.26 -0.37
N ARG A 157 11.51 7.96 -0.92
CA ARG A 157 12.56 8.54 -0.11
C ARG A 157 11.93 9.48 0.92
N ARG A 158 10.99 10.27 0.45
CA ARG A 158 10.34 11.29 1.30
C ARG A 158 9.39 10.71 2.35
N VAL A 159 8.60 9.68 1.99
CA VAL A 159 7.58 9.19 2.92
C VAL A 159 8.03 8.06 3.84
N LEU A 160 9.08 7.33 3.47
CA LEU A 160 9.55 6.23 4.33
C LEU A 160 10.44 6.70 5.48
N ASN A 161 11.14 7.81 5.29
CA ASN A 161 11.93 8.40 6.37
C ASN A 161 13.00 7.43 6.88
N LEU A 162 13.58 6.68 5.95
CA LEU A 162 14.67 5.76 6.24
C LEU A 162 15.97 6.53 6.05
N PRO A 163 17.09 6.01 6.56
CA PRO A 163 18.34 6.75 6.41
C PRO A 163 18.70 7.02 4.95
N PRO A 164 19.39 8.15 4.68
CA PRO A 164 19.66 8.58 3.31
C PRO A 164 20.47 7.58 2.48
N ASN A 165 21.24 6.70 3.11
CA ASN A 165 22.02 5.73 2.34
C ASN A 165 21.25 4.43 2.08
N THR A 166 19.95 4.44 2.39
CA THR A 166 19.12 3.26 2.21
C THR A 166 19.07 2.83 0.74
N ILE A 167 19.35 1.56 0.49
CA ILE A 167 19.33 1.05 -0.88
C ILE A 167 17.91 0.71 -1.34
N MET A 168 17.52 1.23 -2.51
CA MET A 168 16.26 0.86 -3.14
C MET A 168 16.58 0.33 -4.52
N GLU A 169 15.88 -0.72 -4.95
CA GLU A 169 16.16 -1.33 -6.25
C GLU A 169 14.89 -1.46 -7.08
N TYR A 170 14.96 -1.11 -8.36
CA TYR A 170 13.80 -1.31 -9.22
C TYR A 170 13.97 -2.60 -10.03
N LYS A 171 12.92 -3.42 -10.03
CA LYS A 171 12.90 -4.66 -10.77
C LYS A 171 11.67 -4.71 -11.67
N THR A 172 11.92 -4.90 -12.96
CA THR A 172 10.87 -5.16 -13.93
C THR A 172 10.36 -6.58 -13.70
N HIS A 173 9.04 -6.76 -13.72
CA HIS A 173 8.47 -8.06 -13.36
C HIS A 173 8.96 -9.19 -14.29
N THR A 174 9.07 -8.91 -15.58
CA THR A 174 9.41 -9.94 -16.57
C THR A 174 10.86 -10.42 -16.45
N ASP A 175 11.59 -9.90 -15.47
CA ASP A 175 12.97 -10.32 -15.24
C ASP A 175 13.09 -11.15 -13.96
N PRO B 20 -5.21 16.75 -15.01
CA PRO B 20 -5.62 17.36 -13.73
C PRO B 20 -5.28 16.47 -12.52
N TRP B 21 -5.13 17.09 -11.36
CA TRP B 21 -4.89 16.36 -10.12
C TRP B 21 -6.04 15.40 -9.81
N PRO B 22 -5.79 14.41 -8.95
CA PRO B 22 -6.91 13.60 -8.46
C PRO B 22 -7.79 14.43 -7.52
N GLU B 23 -9.05 14.05 -7.37
CA GLU B 23 -9.95 14.75 -6.47
C GLU B 23 -9.56 14.51 -5.01
N TYR B 24 -9.12 13.29 -4.72
CA TYR B 24 -8.98 12.84 -3.34
C TYR B 24 -7.54 12.60 -2.94
N ILE B 25 -6.92 13.67 -2.45
CA ILE B 25 -5.54 13.66 -1.99
C ILE B 25 -5.50 13.87 -0.48
N TYR B 26 -4.76 13.03 0.23
CA TYR B 26 -4.67 13.16 1.68
C TYR B 26 -3.22 13.12 2.11
N THR B 27 -2.83 14.09 2.92
CA THR B 27 -1.50 14.06 3.52
C THR B 27 -1.49 13.01 4.63
N ARG B 28 -0.29 12.63 5.06
CA ARG B 28 -0.19 11.67 6.15
C ARG B 28 -0.91 12.19 7.41
N LEU B 29 -0.74 13.47 7.69
CA LEU B 29 -1.40 14.08 8.85
C LEU B 29 -2.93 14.05 8.71
N GLU B 30 -3.42 14.33 7.51
CA GLU B 30 -4.85 14.25 7.26
C GLU B 30 -5.39 12.82 7.47
N MET B 31 -4.63 11.81 7.05
CA MET B 31 -5.03 10.42 7.29
C MET B 31 -5.16 10.16 8.79
N TYR B 32 -4.20 10.64 9.58
CA TYR B 32 -4.26 10.40 11.02
C TYR B 32 -5.33 11.25 11.72
N ASN B 33 -5.62 12.44 11.18
CA ASN B 33 -6.71 13.26 11.73
C ASN B 33 -8.04 12.52 11.62
N ILE B 34 -8.22 11.84 10.50
CA ILE B 34 -9.42 11.04 10.26
C ILE B 34 -9.46 9.83 11.20
N LEU B 35 -8.30 9.22 11.46
CA LEU B 35 -8.23 8.11 12.41
C LEU B 35 -8.67 8.57 13.81
N LYS B 36 -8.21 9.76 14.20
CA LYS B 36 -8.58 10.30 15.52
C LYS B 36 -10.10 10.46 15.62
N ALA B 37 -10.72 10.99 14.57
CA ALA B 37 -12.17 11.18 14.55
C ALA B 37 -12.87 9.84 14.68
N GLU B 38 -12.40 8.86 13.93
CA GLU B 38 -12.96 7.52 13.95
C GLU B 38 -12.84 6.88 15.34
N HIS B 39 -11.70 7.07 15.98
CA HIS B 39 -11.45 6.51 17.30
C HIS B 39 -12.44 7.04 18.34
N ASP B 40 -12.79 8.32 18.24
CA ASP B 40 -13.62 8.96 19.25
C ASP B 40 -15.11 8.71 19.08
N SER B 41 -15.50 8.09 17.97
CA SER B 41 -16.93 7.92 17.68
C SER B 41 -17.57 6.77 18.45
N ILE B 42 -17.05 6.43 19.63
CA ILE B 42 -17.73 5.49 20.51
C ILE B 42 -18.84 6.20 21.28
N LEU B 43 -18.81 7.53 21.27
CA LEU B 43 -19.88 8.33 21.86
C LEU B 43 -20.84 8.79 20.77
N ALA B 44 -22.13 8.72 21.06
CA ALA B 44 -23.14 9.05 20.07
C ALA B 44 -23.22 10.56 19.84
N GLU B 45 -23.24 10.96 18.57
CA GLU B 45 -23.38 12.36 18.22
C GLU B 45 -24.83 12.80 18.32
#